data_8ZWS
#
_entry.id   8ZWS
#
_cell.length_a   84.740
_cell.length_b   84.740
_cell.length_c   101.768
_cell.angle_alpha   90.000
_cell.angle_beta   90.000
_cell.angle_gamma   120.000
#
_symmetry.space_group_name_H-M   'P 31 2 1'
#
loop_
_entity.id
_entity.type
_entity.pdbx_description
1 polymer 'Endoribonuclease MazF6'
2 polymer 'Antitoxin MazE6'
#
loop_
_entity_poly.entity_id
_entity_poly.type
_entity_poly.pdbx_seq_one_letter_code
_entity_poly.pdbx_strand_id
1 'polypeptide(L)'
;GPELMVISRAEIYWADLGPPSGSQPAKRRPVLVIQSDPYNASRLATVIAAVITSNTALAAMPGNVFLPATTTRLPRDSVV
NVTAIVTLNKTDLTDRVGEVPASLMHEVDRGLRRVLDL
;
A,B,C
2 'polypeptide(L)' LTGQIDRALESIHGTDEAEALAVANAYRVLETMDDEW I,D
#
# COMPACT_ATOMS: atom_id res chain seq x y z
N MET A 5 -25.69 -7.74 4.49
CA MET A 5 -24.49 -7.38 5.26
C MET A 5 -24.11 -5.93 5.02
N VAL A 6 -23.84 -5.21 6.11
CA VAL A 6 -23.40 -3.82 6.03
C VAL A 6 -21.89 -3.82 5.92
N ILE A 7 -21.39 -3.61 4.71
CA ILE A 7 -19.95 -3.63 4.47
C ILE A 7 -19.33 -2.36 5.04
N SER A 8 -18.23 -2.52 5.78
CA SER A 8 -17.54 -1.40 6.38
C SER A 8 -16.08 -1.36 5.93
N ARG A 9 -15.50 -0.17 6.04
CA ARG A 9 -14.09 0.01 5.67
C ARG A 9 -13.20 -0.78 6.62
N ALA A 10 -11.98 -1.05 6.15
CA ALA A 10 -10.95 -1.85 6.82
C ALA A 10 -11.27 -3.34 6.85
N GLU A 11 -12.43 -3.75 6.33
CA GLU A 11 -12.79 -5.16 6.32
C GLU A 11 -12.19 -5.85 5.10
N ILE A 12 -11.86 -7.13 5.29
CA ILE A 12 -11.30 -7.96 4.23
C ILE A 12 -12.36 -8.95 3.79
N TYR A 13 -12.62 -9.00 2.48
CA TYR A 13 -13.58 -9.92 1.89
C TYR A 13 -12.90 -10.76 0.82
N TRP A 14 -13.45 -11.95 0.57
CA TRP A 14 -13.08 -12.74 -0.60
C TRP A 14 -13.94 -12.30 -1.78
N ALA A 15 -13.30 -12.00 -2.90
CA ALA A 15 -14.02 -11.52 -4.07
C ALA A 15 -13.53 -12.22 -5.32
N ASP A 16 -14.45 -12.51 -6.23
CA ASP A 16 -14.11 -13.10 -7.52
C ASP A 16 -13.61 -11.99 -8.44
N LEU A 17 -12.31 -11.96 -8.69
CA LEU A 17 -11.71 -10.91 -9.50
C LEU A 17 -11.42 -11.39 -10.91
N LYS A 27 -11.45 -16.34 -10.29
CA LYS A 27 -10.30 -16.23 -9.41
C LYS A 27 -10.68 -15.55 -8.09
N ARG A 28 -11.19 -16.33 -7.14
CA ARG A 28 -11.53 -15.77 -5.84
C ARG A 28 -10.25 -15.37 -5.11
N ARG A 29 -10.15 -14.10 -4.76
CA ARG A 29 -8.99 -13.53 -4.09
C ARG A 29 -9.48 -12.52 -3.06
N PRO A 30 -8.67 -12.21 -2.06
CA PRO A 30 -9.13 -11.27 -1.02
C PRO A 30 -8.97 -9.82 -1.45
N VAL A 31 -9.85 -8.98 -0.88
CA VAL A 31 -9.86 -7.55 -1.15
C VAL A 31 -10.05 -6.82 0.17
N LEU A 32 -9.51 -5.60 0.23
CA LEU A 32 -9.63 -4.73 1.41
C LEU A 32 -10.49 -3.53 1.05
N VAL A 33 -11.60 -3.36 1.77
CA VAL A 33 -12.52 -2.26 1.51
C VAL A 33 -11.85 -0.94 1.90
N ILE A 34 -11.73 -0.02 0.95
CA ILE A 34 -11.21 1.31 1.21
C ILE A 34 -12.26 2.40 1.05
N GLN A 35 -13.41 2.09 0.45
CA GLN A 35 -14.49 3.06 0.34
C GLN A 35 -15.01 3.42 1.74
N SER A 36 -15.28 4.71 1.95
CA SER A 36 -15.70 5.18 3.26
C SER A 36 -17.07 4.64 3.62
N ASP A 37 -17.30 4.52 4.93
CA ASP A 37 -18.56 3.95 5.43
C ASP A 37 -19.80 4.74 5.02
N PRO A 38 -19.79 6.09 4.97
CA PRO A 38 -20.95 6.80 4.42
C PRO A 38 -21.39 6.28 3.05
N TYR A 39 -20.44 6.10 2.13
CA TYR A 39 -20.78 5.54 0.83
C TYR A 39 -21.14 4.07 0.92
N ASN A 40 -20.62 3.37 1.93
CA ASN A 40 -20.93 1.95 2.09
C ASN A 40 -22.36 1.76 2.59
N ALA A 41 -22.77 2.55 3.58
CA ALA A 41 -24.13 2.45 4.11
C ALA A 41 -25.16 3.14 3.22
N SER A 42 -24.78 3.58 2.03
CA SER A 42 -25.67 4.26 1.12
C SER A 42 -26.25 3.27 0.10
N ARG A 43 -27.18 3.77 -0.71
CA ARG A 43 -27.78 2.96 -1.76
C ARG A 43 -26.88 2.77 -2.98
N LEU A 44 -25.65 3.26 -2.93
CA LEU A 44 -24.70 3.01 -4.01
C LEU A 44 -24.39 1.51 -4.10
N ALA A 45 -24.50 0.96 -5.30
CA ALA A 45 -24.35 -0.48 -5.49
C ALA A 45 -22.89 -0.93 -5.54
N THR A 46 -21.93 -0.01 -5.59
CA THR A 46 -20.52 -0.34 -5.77
C THR A 46 -19.71 0.05 -4.55
N VAL A 47 -18.61 -0.68 -4.34
CA VAL A 47 -17.65 -0.38 -3.28
C VAL A 47 -16.23 -0.49 -3.85
N ILE A 48 -15.37 0.45 -3.47
CA ILE A 48 -13.99 0.49 -3.95
C ILE A 48 -13.11 -0.26 -2.97
N ALA A 49 -12.15 -1.02 -3.49
CA ALA A 49 -11.32 -1.87 -2.65
C ALA A 49 -9.94 -2.03 -3.27
N ALA A 50 -8.97 -2.37 -2.42
CA ALA A 50 -7.62 -2.69 -2.84
C ALA A 50 -7.40 -4.19 -2.78
N VAL A 51 -6.73 -4.74 -3.80
CA VAL A 51 -6.53 -6.18 -3.90
C VAL A 51 -5.41 -6.60 -2.95
N ILE A 52 -5.66 -7.68 -2.21
CA ILE A 52 -4.70 -8.22 -1.26
C ILE A 52 -4.01 -9.42 -1.89
N THR A 53 -2.68 -9.38 -1.95
CA THR A 53 -1.89 -10.46 -2.50
C THR A 53 -1.23 -11.28 -1.40
N SER A 54 -0.78 -12.47 -1.77
CA SER A 54 -0.03 -13.35 -0.88
C SER A 54 1.47 -13.32 -1.16
N ASN A 55 1.90 -12.52 -2.13
CA ASN A 55 3.32 -12.36 -2.45
C ASN A 55 3.89 -11.30 -1.52
N THR A 56 4.44 -11.75 -0.39
CA THR A 56 4.93 -10.82 0.62
C THR A 56 6.09 -9.96 0.14
N ALA A 57 6.75 -10.36 -0.95
CA ALA A 57 7.81 -9.53 -1.53
C ALA A 57 7.28 -8.18 -2.00
N LEU A 58 5.99 -8.07 -2.29
CA LEU A 58 5.40 -6.81 -2.71
C LEU A 58 5.29 -5.79 -1.56
N ALA A 59 5.58 -6.20 -0.33
CA ALA A 59 5.61 -5.24 0.77
C ALA A 59 6.78 -4.28 0.66
N ALA A 60 7.76 -4.56 -0.19
CA ALA A 60 8.85 -3.63 -0.43
C ALA A 60 8.45 -2.46 -1.31
N MET A 61 7.40 -2.61 -2.11
CA MET A 61 6.94 -1.51 -2.94
C MET A 61 6.48 -0.35 -2.07
N PRO A 62 6.93 0.87 -2.35
CA PRO A 62 6.57 2.02 -1.49
C PRO A 62 5.07 2.24 -1.44
N GLY A 63 4.52 2.26 -0.23
CA GLY A 63 3.11 2.43 0.01
C GLY A 63 2.37 1.16 0.37
N ASN A 64 2.80 0.01 -0.17
CA ASN A 64 2.12 -1.24 0.13
C ASN A 64 2.26 -1.56 1.62
N VAL A 65 1.30 -2.30 2.15
CA VAL A 65 1.20 -2.56 3.57
C VAL A 65 1.16 -4.06 3.80
N PHE A 66 2.07 -4.55 4.64
CA PHE A 66 2.09 -5.96 5.00
C PHE A 66 1.00 -6.25 6.03
N LEU A 67 0.42 -7.43 5.94
CA LEU A 67 -0.66 -7.85 6.84
C LEU A 67 -0.38 -9.26 7.31
N PRO A 68 -0.01 -9.46 8.58
CA PRO A 68 0.20 -10.83 9.07
C PRO A 68 -1.13 -11.57 9.17
N ALA A 69 -1.09 -12.86 8.84
CA ALA A 69 -2.31 -13.67 8.89
C ALA A 69 -2.89 -13.74 10.29
N THR A 70 -2.04 -13.62 11.32
CA THR A 70 -2.53 -13.59 12.69
C THR A 70 -3.39 -12.36 12.97
N THR A 71 -3.29 -11.34 12.12
CA THR A 71 -4.06 -10.11 12.26
C THR A 71 -5.30 -10.09 11.38
N THR A 72 -5.21 -10.63 10.16
CA THR A 72 -6.28 -10.56 9.18
C THR A 72 -7.29 -11.69 9.29
N ARG A 73 -6.94 -12.79 9.95
CA ARG A 73 -7.68 -14.05 9.96
C ARG A 73 -7.67 -14.74 8.61
N LEU A 74 -6.76 -14.34 7.73
CA LEU A 74 -6.58 -14.97 6.43
C LEU A 74 -5.70 -16.20 6.56
N PRO A 75 -5.67 -17.07 5.55
CA PRO A 75 -4.82 -18.27 5.65
C PRO A 75 -3.34 -17.96 5.74
N ARG A 76 -2.80 -17.19 4.80
CA ARG A 76 -1.39 -16.86 4.77
C ARG A 76 -1.16 -15.37 5.01
N ASP A 77 0.11 -15.00 5.14
CA ASP A 77 0.46 -13.60 5.28
C ASP A 77 0.09 -12.82 4.03
N SER A 78 -0.26 -11.56 4.21
CA SER A 78 -0.90 -10.76 3.18
C SER A 78 -0.14 -9.47 2.95
N VAL A 79 -0.39 -8.86 1.78
CA VAL A 79 0.16 -7.55 1.43
C VAL A 79 -0.92 -6.77 0.70
N VAL A 80 -1.24 -5.58 1.21
CA VAL A 80 -2.18 -4.69 0.53
C VAL A 80 -1.45 -4.03 -0.64
N ASN A 81 -1.94 -4.29 -1.85
CA ASN A 81 -1.35 -3.71 -3.06
C ASN A 81 -2.11 -2.43 -3.37
N VAL A 82 -1.56 -1.30 -2.90
CA VAL A 82 -2.24 -0.02 -3.06
C VAL A 82 -2.23 0.47 -4.50
N THR A 83 -1.48 -0.17 -5.39
CA THR A 83 -1.52 0.13 -6.81
C THR A 83 -2.56 -0.69 -7.55
N ALA A 84 -3.19 -1.65 -6.89
CA ALA A 84 -4.24 -2.49 -7.46
C ALA A 84 -5.55 -2.12 -6.79
N ILE A 85 -6.31 -1.23 -7.42
CA ILE A 85 -7.57 -0.72 -6.88
C ILE A 85 -8.69 -1.22 -7.79
N VAL A 86 -9.76 -1.72 -7.17
CA VAL A 86 -10.88 -2.30 -7.91
C VAL A 86 -12.18 -1.68 -7.40
N THR A 87 -13.18 -1.68 -8.27
CA THR A 87 -14.54 -1.29 -7.91
C THR A 87 -15.43 -2.52 -8.09
N LEU A 88 -15.96 -3.03 -6.99
CA LEU A 88 -16.78 -4.23 -7.02
C LEU A 88 -18.22 -3.89 -6.62
N ASN A 89 -19.15 -4.72 -7.10
CA ASN A 89 -20.52 -4.64 -6.65
C ASN A 89 -20.60 -5.07 -5.18
N LYS A 90 -21.50 -4.44 -4.43
CA LYS A 90 -21.63 -4.79 -3.02
C LYS A 90 -22.06 -6.23 -2.84
N THR A 91 -22.75 -6.80 -3.84
CA THR A 91 -23.13 -8.21 -3.78
C THR A 91 -21.94 -9.13 -4.05
N ASP A 92 -20.90 -8.65 -4.72
CA ASP A 92 -19.73 -9.46 -4.98
C ASP A 92 -18.90 -9.72 -3.74
N LEU A 93 -19.17 -9.02 -2.64
CA LEU A 93 -18.45 -9.24 -1.39
C LEU A 93 -19.29 -10.20 -0.55
N THR A 94 -18.74 -11.40 -0.32
CA THR A 94 -19.47 -12.47 0.34
C THR A 94 -18.84 -12.89 1.66
N ASP A 95 -17.57 -13.30 1.67
CA ASP A 95 -16.93 -13.83 2.87
C ASP A 95 -16.26 -12.69 3.61
N ARG A 96 -16.87 -12.25 4.71
CA ARG A 96 -16.24 -11.25 5.54
C ARG A 96 -15.18 -11.96 6.36
N VAL A 97 -13.92 -11.78 5.99
CA VAL A 97 -12.82 -12.48 6.67
C VAL A 97 -12.55 -11.87 8.03
N GLY A 98 -12.34 -10.55 8.07
CA GLY A 98 -11.99 -9.89 9.29
C GLY A 98 -11.74 -8.42 9.04
N GLU A 99 -11.27 -7.74 10.08
CA GLU A 99 -11.06 -6.30 10.04
C GLU A 99 -9.60 -5.99 10.33
N VAL A 100 -9.09 -4.95 9.64
CA VAL A 100 -7.70 -4.53 9.80
C VAL A 100 -7.65 -3.48 10.90
N PRO A 101 -6.75 -3.61 11.87
CA PRO A 101 -6.68 -2.63 12.96
C PRO A 101 -6.40 -1.22 12.43
N ALA A 102 -6.81 -0.23 13.23
CA ALA A 102 -6.68 1.16 12.82
C ALA A 102 -5.23 1.59 12.66
N SER A 103 -4.30 0.92 13.35
CA SER A 103 -2.89 1.28 13.19
C SER A 103 -2.36 0.83 11.83
N LEU A 104 -2.74 -0.36 11.39
CA LEU A 104 -2.34 -0.82 10.06
C LEU A 104 -3.14 -0.14 8.95
N MET A 105 -4.38 0.27 9.23
CA MET A 105 -5.15 1.00 8.24
C MET A 105 -4.63 2.41 8.04
N HIS A 106 -3.99 2.98 9.08
CA HIS A 106 -3.30 4.26 8.89
C HIS A 106 -2.15 4.11 7.91
N GLU A 107 -1.42 3.00 7.98
CA GLU A 107 -0.39 2.72 6.99
C GLU A 107 -1.00 2.58 5.61
N VAL A 108 -2.17 1.94 5.52
CA VAL A 108 -2.87 1.83 4.24
C VAL A 108 -3.31 3.21 3.75
N ASP A 109 -3.89 4.01 4.67
CA ASP A 109 -4.31 5.35 4.32
C ASP A 109 -3.14 6.21 3.82
N ARG A 110 -1.99 6.09 4.48
CA ARG A 110 -0.80 6.81 4.03
C ARG A 110 -0.40 6.39 2.63
N GLY A 111 -0.42 5.08 2.35
CA GLY A 111 -0.05 4.60 1.03
C GLY A 111 -1.02 5.07 -0.05
N LEU A 112 -2.32 5.05 0.24
CA LEU A 112 -3.31 5.47 -0.74
C LEU A 112 -3.12 6.94 -1.11
N ARG A 113 -2.93 7.79 -0.09
CA ARG A 113 -2.65 9.21 -0.36
C ARG A 113 -1.34 9.38 -1.12
N ARG A 114 -0.38 8.47 -0.90
CA ARG A 114 0.89 8.54 -1.59
C ARG A 114 0.73 8.24 -3.08
N VAL A 115 0.06 7.13 -3.39
CA VAL A 115 -0.06 6.70 -4.79
C VAL A 115 -1.06 7.56 -5.54
N LEU A 116 -2.06 8.13 -4.85
CA LEU A 116 -3.08 8.93 -5.50
C LEU A 116 -2.84 10.43 -5.40
N ASP A 117 -1.75 10.84 -4.74
CA ASP A 117 -1.42 12.26 -4.59
C ASP A 117 -2.58 13.02 -3.94
N LEU A 118 -2.92 12.60 -2.73
CA LEU A 118 -4.03 13.19 -2.00
C LEU A 118 -3.60 13.70 -0.63
N VAL B 6 4.37 8.73 -21.94
CA VAL B 6 4.52 8.99 -20.52
C VAL B 6 3.24 9.60 -19.94
N ILE B 7 2.46 8.76 -19.27
CA ILE B 7 1.18 9.18 -18.70
C ILE B 7 1.42 10.02 -17.46
N SER B 8 0.72 11.14 -17.37
CA SER B 8 0.80 12.04 -16.22
C SER B 8 -0.59 12.19 -15.61
N ARG B 9 -0.61 12.59 -14.34
CA ARG B 9 -1.87 12.77 -13.64
C ARG B 9 -2.66 13.92 -14.26
N ALA B 10 -3.97 13.90 -14.03
CA ALA B 10 -4.97 14.84 -14.54
C ALA B 10 -5.25 14.66 -16.03
N GLU B 11 -4.57 13.73 -16.70
CA GLU B 11 -4.81 13.51 -18.13
C GLU B 11 -5.99 12.57 -18.34
N ILE B 12 -6.72 12.80 -19.44
CA ILE B 12 -7.88 12.00 -19.82
C ILE B 12 -7.49 11.13 -21.00
N TYR B 13 -7.75 9.83 -20.88
CA TYR B 13 -7.49 8.87 -21.94
C TYR B 13 -8.76 8.08 -22.25
N TRP B 14 -8.82 7.55 -23.47
CA TRP B 14 -9.84 6.57 -23.84
C TRP B 14 -9.35 5.19 -23.45
N ALA B 15 -10.22 4.40 -22.83
CA ALA B 15 -9.84 3.10 -22.30
C ALA B 15 -10.83 2.03 -22.74
N ASP B 16 -10.30 0.83 -22.98
CA ASP B 16 -11.13 -0.32 -23.35
C ASP B 16 -11.83 -0.89 -22.13
N GLN B 24 -18.99 -7.84 -24.84
CA GLN B 24 -17.69 -8.31 -25.32
C GLN B 24 -16.93 -7.23 -26.13
N PRO B 25 -17.57 -6.65 -27.23
CA PRO B 25 -16.78 -5.87 -28.21
C PRO B 25 -15.60 -5.11 -27.63
N ALA B 26 -15.86 -3.97 -27.02
CA ALA B 26 -14.83 -3.18 -26.36
C ALA B 26 -15.47 -2.15 -25.43
N LYS B 27 -16.45 -1.41 -25.93
CA LYS B 27 -17.11 -0.32 -25.20
C LYS B 27 -16.06 0.61 -24.60
N ARG B 28 -15.46 1.45 -25.44
CA ARG B 28 -14.45 2.40 -25.02
C ARG B 28 -15.09 3.57 -24.28
N ARG B 29 -14.55 3.90 -23.12
CA ARG B 29 -15.05 4.98 -22.28
C ARG B 29 -13.87 5.80 -21.78
N PRO B 30 -14.10 7.06 -21.42
CA PRO B 30 -13.00 7.92 -20.97
C PRO B 30 -12.68 7.73 -19.49
N VAL B 31 -11.41 7.98 -19.15
CA VAL B 31 -10.93 7.85 -17.78
C VAL B 31 -10.02 9.02 -17.46
N LEU B 32 -9.98 9.37 -16.17
CA LEU B 32 -9.12 10.44 -15.65
C LEU B 32 -8.05 9.82 -14.76
N VAL B 33 -6.78 10.07 -15.10
CA VAL B 33 -5.67 9.50 -14.35
C VAL B 33 -5.61 10.16 -12.97
N ILE B 34 -5.70 9.34 -11.92
CA ILE B 34 -5.56 9.82 -10.55
C ILE B 34 -4.30 9.31 -9.87
N GLN B 35 -3.63 8.31 -10.45
CA GLN B 35 -2.37 7.84 -9.89
C GLN B 35 -1.33 8.95 -9.91
N SER B 36 -0.55 9.05 -8.84
CA SER B 36 0.42 10.13 -8.71
C SER B 36 1.53 9.98 -9.74
N ASP B 37 2.11 11.12 -10.14
CA ASP B 37 3.15 11.10 -11.16
C ASP B 37 4.39 10.31 -10.76
N PRO B 38 4.87 10.34 -9.51
CA PRO B 38 5.96 9.41 -9.14
C PRO B 38 5.68 7.96 -9.50
N TYR B 39 4.49 7.46 -9.19
CA TYR B 39 4.15 6.09 -9.58
C TYR B 39 3.94 5.97 -11.09
N ASN B 40 3.55 7.06 -11.76
CA ASN B 40 3.35 6.99 -13.20
C ASN B 40 4.68 6.92 -13.95
N ALA B 41 5.66 7.72 -13.56
CA ALA B 41 6.96 7.74 -14.20
C ALA B 41 7.85 6.56 -13.81
N SER B 42 7.30 5.59 -13.08
CA SER B 42 8.05 4.43 -12.63
C SER B 42 7.81 3.25 -13.58
N ARG B 43 8.53 2.15 -13.32
CA ARG B 43 8.37 0.93 -14.08
C ARG B 43 7.11 0.15 -13.71
N LEU B 44 6.26 0.72 -12.86
CA LEU B 44 4.98 0.08 -12.54
C LEU B 44 4.12 -0.02 -13.79
N ALA B 45 3.62 -1.23 -14.06
CA ALA B 45 2.89 -1.49 -15.29
C ALA B 45 1.43 -1.03 -15.25
N THR B 46 0.94 -0.62 -14.08
CA THR B 46 -0.47 -0.29 -13.92
C THR B 46 -0.62 1.19 -13.57
N VAL B 47 -1.78 1.75 -13.91
CA VAL B 47 -2.13 3.12 -13.57
C VAL B 47 -3.56 3.14 -13.05
N ILE B 48 -3.80 3.91 -11.99
CA ILE B 48 -5.10 4.02 -11.35
C ILE B 48 -5.84 5.19 -11.96
N ALA B 49 -7.14 5.03 -12.18
CA ALA B 49 -7.92 6.07 -12.83
C ALA B 49 -9.36 6.04 -12.34
N ALA B 50 -10.03 7.18 -12.50
CA ALA B 50 -11.46 7.32 -12.22
C ALA B 50 -12.23 7.36 -13.52
N VAL B 51 -13.36 6.66 -13.57
CA VAL B 51 -14.14 6.54 -14.79
C VAL B 51 -14.91 7.82 -15.04
N ILE B 52 -14.89 8.29 -16.28
CA ILE B 52 -15.61 9.49 -16.69
C ILE B 52 -16.88 9.07 -17.42
N THR B 53 -18.02 9.51 -16.92
CA THR B 53 -19.31 9.21 -17.53
C THR B 53 -19.85 10.42 -18.28
N SER B 54 -20.83 10.15 -19.15
CA SER B 54 -21.53 11.20 -19.86
C SER B 54 -22.91 11.48 -19.27
N ASN B 55 -23.29 10.79 -18.21
CA ASN B 55 -24.56 11.01 -17.52
C ASN B 55 -24.34 12.14 -16.53
N THR B 56 -24.61 13.38 -16.97
CA THR B 56 -24.36 14.54 -16.12
C THR B 56 -25.19 14.53 -14.85
N ALA B 57 -26.26 13.74 -14.80
CA ALA B 57 -27.04 13.61 -13.58
C ALA B 57 -26.21 13.02 -12.44
N LEU B 58 -25.12 12.31 -12.76
CA LEU B 58 -24.25 11.77 -11.73
C LEU B 58 -23.43 12.85 -11.04
N ALA B 59 -23.46 14.09 -11.54
CA ALA B 59 -22.81 15.18 -10.84
C ALA B 59 -23.54 15.54 -9.55
N ALA B 60 -24.77 15.05 -9.37
CA ALA B 60 -25.48 15.24 -8.11
C ALA B 60 -24.94 14.32 -7.02
N MET B 61 -24.33 13.21 -7.40
CA MET B 61 -23.73 12.31 -6.42
C MET B 61 -22.59 13.04 -5.71
N PRO B 62 -22.54 13.01 -4.37
CA PRO B 62 -21.50 13.76 -3.66
C PRO B 62 -20.10 13.28 -4.05
N GLY B 63 -19.19 14.24 -4.20
CA GLY B 63 -17.83 13.96 -4.59
C GLY B 63 -17.57 14.02 -6.09
N ASN B 64 -18.58 13.68 -6.90
CA ASN B 64 -18.39 13.69 -8.34
C ASN B 64 -18.13 15.11 -8.83
N VAL B 65 -17.41 15.21 -9.94
CA VAL B 65 -16.97 16.50 -10.48
C VAL B 65 -17.45 16.60 -11.92
N PHE B 66 -18.18 17.69 -12.22
CA PHE B 66 -18.64 17.93 -13.57
C PHE B 66 -17.50 18.49 -14.42
N LEU B 67 -17.51 18.11 -15.69
CA LEU B 67 -16.46 18.51 -16.63
C LEU B 67 -17.10 19.01 -17.92
N PRO B 68 -17.03 20.31 -18.20
CA PRO B 68 -17.61 20.82 -19.45
C PRO B 68 -16.82 20.34 -20.66
N ALA B 69 -17.55 20.05 -21.74
CA ALA B 69 -16.90 19.59 -22.96
C ALA B 69 -15.92 20.62 -23.52
N THR B 70 -16.20 21.91 -23.30
CA THR B 70 -15.27 22.95 -23.70
C THR B 70 -13.95 22.88 -22.94
N THR B 71 -13.93 22.18 -21.80
CA THR B 71 -12.74 22.02 -20.98
C THR B 71 -12.00 20.72 -21.23
N THR B 72 -12.74 19.63 -21.46
CA THR B 72 -12.14 18.30 -21.59
C THR B 72 -11.74 17.93 -23.00
N ARG B 73 -12.28 18.62 -24.02
CA ARG B 73 -12.16 18.25 -25.43
C ARG B 73 -12.92 16.96 -25.74
N LEU B 74 -13.79 16.52 -24.86
CA LEU B 74 -14.59 15.32 -25.06
C LEU B 74 -15.82 15.66 -25.89
N PRO B 75 -16.52 14.64 -26.43
CA PRO B 75 -17.71 14.94 -27.25
C PRO B 75 -18.81 15.64 -26.48
N ARG B 76 -19.25 15.08 -25.36
CA ARG B 76 -20.32 15.65 -24.56
C ARG B 76 -19.76 16.11 -23.21
N ASP B 77 -20.60 16.80 -22.46
CA ASP B 77 -20.23 17.18 -21.11
C ASP B 77 -20.08 15.93 -20.25
N SER B 78 -19.16 15.99 -19.29
CA SER B 78 -18.71 14.80 -18.58
C SER B 78 -18.85 15.00 -17.08
N VAL B 79 -18.80 13.87 -16.36
CA VAL B 79 -18.81 13.85 -14.91
C VAL B 79 -17.83 12.78 -14.45
N VAL B 80 -16.85 13.17 -13.64
CA VAL B 80 -15.92 12.22 -13.05
C VAL B 80 -16.63 11.49 -11.91
N ASN B 81 -16.78 10.18 -12.05
CA ASN B 81 -17.44 9.36 -11.03
C ASN B 81 -16.35 8.85 -10.09
N VAL B 82 -16.15 9.56 -8.98
CA VAL B 82 -15.10 9.20 -8.04
C VAL B 82 -15.38 7.89 -7.31
N THR B 83 -16.59 7.34 -7.46
CA THR B 83 -16.89 6.02 -6.92
C THR B 83 -16.57 4.90 -7.89
N ALA B 84 -16.21 5.22 -9.13
CA ALA B 84 -15.83 4.23 -10.14
C ALA B 84 -14.34 4.40 -10.44
N ILE B 85 -13.51 3.61 -9.73
CA ILE B 85 -12.06 3.66 -9.88
C ILE B 85 -11.59 2.32 -10.43
N VAL B 86 -10.70 2.38 -11.42
CA VAL B 86 -10.20 1.19 -12.11
C VAL B 86 -8.68 1.24 -12.16
N THR B 87 -8.08 0.07 -12.28
CA THR B 87 -6.65 -0.08 -12.49
C THR B 87 -6.43 -0.67 -13.88
N LEU B 88 -5.83 0.09 -14.77
CA LEU B 88 -5.58 -0.30 -16.14
C LEU B 88 -4.09 -0.46 -16.40
N ASN B 89 -3.76 -1.27 -17.41
CA ASN B 89 -2.39 -1.34 -17.87
C ASN B 89 -1.99 -0.02 -18.53
N LYS B 90 -0.74 0.37 -18.33
CA LYS B 90 -0.26 1.62 -18.92
C LYS B 90 -0.26 1.57 -20.44
N THR B 91 -0.16 0.37 -21.01
CA THR B 91 -0.19 0.23 -22.46
C THR B 91 -1.59 0.41 -23.03
N ASP B 92 -2.64 0.21 -22.23
CA ASP B 92 -3.99 0.38 -22.73
C ASP B 92 -4.36 1.84 -22.97
N LEU B 93 -3.57 2.78 -22.46
CA LEU B 93 -3.82 4.20 -22.66
C LEU B 93 -2.92 4.72 -23.79
N THR B 94 -3.53 5.05 -24.92
CA THR B 94 -2.84 5.52 -26.11
C THR B 94 -3.30 6.91 -26.53
N ASP B 95 -4.61 7.10 -26.72
CA ASP B 95 -5.15 8.35 -27.24
C ASP B 95 -5.43 9.27 -26.05
N ARG B 96 -4.54 10.24 -25.86
CA ARG B 96 -4.65 11.24 -24.81
C ARG B 96 -5.66 12.32 -25.21
N VAL B 97 -6.79 12.38 -24.51
CA VAL B 97 -7.81 13.37 -24.84
C VAL B 97 -7.36 14.76 -24.43
N GLY B 98 -6.98 14.93 -23.17
CA GLY B 98 -6.61 16.24 -22.67
C GLY B 98 -6.28 16.17 -21.20
N GLU B 99 -6.07 17.35 -20.62
CA GLU B 99 -5.68 17.48 -19.22
C GLU B 99 -6.72 18.32 -18.49
N VAL B 100 -6.98 17.95 -17.23
CA VAL B 100 -7.98 18.63 -16.40
C VAL B 100 -7.33 19.78 -15.64
N PRO B 101 -7.92 20.97 -15.65
CA PRO B 101 -7.31 22.11 -14.95
C PRO B 101 -7.11 21.84 -13.46
N ALA B 102 -6.13 22.55 -12.88
CA ALA B 102 -5.76 22.31 -11.50
C ALA B 102 -6.89 22.68 -10.52
N SER B 103 -7.77 23.60 -10.92
CA SER B 103 -8.87 23.98 -10.04
C SER B 103 -9.91 22.86 -9.96
N LEU B 104 -10.22 22.23 -11.08
CA LEU B 104 -11.16 21.11 -11.08
C LEU B 104 -10.52 19.83 -10.53
N MET B 105 -9.21 19.68 -10.66
CA MET B 105 -8.56 18.52 -10.07
C MET B 105 -8.53 18.63 -8.55
N HIS B 106 -8.55 19.85 -8.02
CA HIS B 106 -8.75 20.03 -6.58
C HIS B 106 -10.12 19.53 -6.16
N GLU B 107 -11.14 19.78 -6.98
CA GLU B 107 -12.46 19.21 -6.73
C GLU B 107 -12.42 17.69 -6.82
N VAL B 108 -11.67 17.15 -7.78
CA VAL B 108 -11.50 15.70 -7.89
C VAL B 108 -10.79 15.18 -6.64
N ASP B 109 -9.72 15.86 -6.22
CA ASP B 109 -9.02 15.47 -5.00
C ASP B 109 -9.96 15.51 -3.80
N ARG B 110 -10.80 16.54 -3.71
CA ARG B 110 -11.77 16.63 -2.63
C ARG B 110 -12.73 15.45 -2.65
N GLY B 111 -13.23 15.11 -3.83
CA GLY B 111 -14.14 13.97 -3.95
C GLY B 111 -13.46 12.65 -3.62
N LEU B 112 -12.23 12.46 -4.11
CA LEU B 112 -11.52 11.20 -3.87
C LEU B 112 -11.26 10.98 -2.40
N ARG B 113 -10.80 12.02 -1.69
CA ARG B 113 -10.59 11.89 -0.26
C ARG B 113 -11.89 11.61 0.49
N ARG B 114 -13.03 12.09 -0.04
CA ARG B 114 -14.31 11.84 0.61
C ARG B 114 -14.69 10.37 0.53
N VAL B 115 -14.63 9.78 -0.67
CA VAL B 115 -15.08 8.39 -0.83
C VAL B 115 -14.06 7.41 -0.26
N LEU B 116 -12.79 7.78 -0.20
CA LEU B 116 -11.74 6.89 0.28
C LEU B 116 -11.39 7.12 1.73
N ASP B 117 -12.04 8.10 2.39
CA ASP B 117 -11.77 8.43 3.79
C ASP B 117 -10.28 8.72 4.00
N LEU B 118 -9.81 9.74 3.28
CA LEU B 118 -8.41 10.14 3.33
C LEU B 118 -8.27 11.62 3.66
N VAL C 6 33.61 -2.81 8.49
CA VAL C 6 33.13 -1.43 8.61
C VAL C 6 31.61 -1.43 8.72
N ILE C 7 31.11 -1.26 9.94
CA ILE C 7 29.67 -1.26 10.18
C ILE C 7 29.08 0.07 9.73
N SER C 8 28.02 0.00 8.93
CA SER C 8 27.30 1.18 8.46
C SER C 8 25.83 1.05 8.80
N ARG C 9 25.14 2.19 8.87
CA ARG C 9 23.72 2.17 9.18
C ARG C 9 22.94 1.51 8.04
N ALA C 10 21.73 1.04 8.37
CA ALA C 10 20.79 0.33 7.50
C ALA C 10 21.27 -1.08 7.15
N GLU C 11 22.46 -1.49 7.60
CA GLU C 11 22.96 -2.82 7.32
C GLU C 11 22.42 -3.82 8.35
N ILE C 12 22.21 -5.05 7.88
CA ILE C 12 21.75 -6.14 8.73
C ILE C 12 22.93 -7.09 8.98
N TYR C 13 23.18 -7.39 10.25
CA TYR C 13 24.25 -8.30 10.64
C TYR C 13 23.68 -9.43 11.49
N TRP C 14 24.39 -10.56 11.49
CA TRP C 14 24.14 -11.61 12.45
C TRP C 14 24.90 -11.32 13.73
N ALA C 15 24.25 -11.52 14.87
CA ALA C 15 24.80 -11.15 16.16
C ALA C 15 24.79 -12.36 17.07
N ASP C 16 25.79 -12.42 17.95
CA ASP C 16 25.92 -13.55 18.85
C ASP C 16 24.82 -13.51 19.91
N LEU C 17 24.11 -14.62 20.05
CA LEU C 17 22.93 -14.72 20.90
C LEU C 17 23.19 -14.27 22.32
N ARG C 28 22.26 -17.03 17.67
CA ARG C 28 22.50 -16.08 16.60
C ARG C 28 21.19 -15.51 16.06
N ARG C 29 21.08 -14.18 16.05
CA ARG C 29 19.89 -13.49 15.59
C ARG C 29 20.31 -12.28 14.77
N PRO C 30 19.45 -11.82 13.86
CA PRO C 30 19.80 -10.66 13.04
C PRO C 30 19.47 -9.35 13.74
N VAL C 31 20.24 -8.31 13.38
CA VAL C 31 20.04 -6.97 13.92
C VAL C 31 20.17 -5.98 12.78
N LEU C 32 19.48 -4.84 12.93
CA LEU C 32 19.53 -3.76 11.96
C LEU C 32 20.23 -2.58 12.61
N VAL C 33 21.33 -2.13 12.02
CA VAL C 33 22.10 -1.04 12.58
C VAL C 33 21.29 0.25 12.48
N ILE C 34 21.03 0.88 13.62
CA ILE C 34 20.35 2.17 13.66
C ILE C 34 21.26 3.29 14.15
N GLN C 35 22.41 2.96 14.73
CA GLN C 35 23.38 3.97 15.11
C GLN C 35 23.88 4.71 13.87
N SER C 36 24.01 6.02 13.98
CA SER C 36 24.40 6.82 12.84
C SER C 36 25.84 6.50 12.42
N ASP C 37 26.11 6.68 11.12
CA ASP C 37 27.43 6.34 10.59
C ASP C 37 28.57 7.12 11.25
N PRO C 38 28.44 8.40 11.59
CA PRO C 38 29.51 9.05 12.36
C PRO C 38 29.93 8.27 13.60
N TYR C 39 28.97 7.83 14.41
CA TYR C 39 29.33 7.03 15.58
C TYR C 39 29.81 5.63 15.18
N ASN C 40 29.38 5.14 14.02
CA ASN C 40 29.82 3.83 13.56
C ASN C 40 31.27 3.85 13.11
N ALA C 41 31.66 4.87 12.34
CA ALA C 41 33.03 4.99 11.86
C ALA C 41 34.00 5.47 12.93
N SER C 42 33.56 5.56 14.17
CA SER C 42 34.39 6.03 15.28
C SER C 42 35.00 4.84 16.01
N ARG C 43 35.90 5.14 16.94
CA ARG C 43 36.51 4.13 17.79
C ARG C 43 35.60 3.67 18.91
N LEU C 44 34.35 4.13 18.93
CA LEU C 44 33.39 3.66 19.92
C LEU C 44 33.18 2.16 19.77
N ALA C 45 33.29 1.44 20.88
CA ALA C 45 33.24 -0.02 20.84
C ALA C 45 31.83 -0.56 20.69
N THR C 46 30.81 0.29 20.76
CA THR C 46 29.43 -0.15 20.75
C THR C 46 28.72 0.38 19.50
N VAL C 47 27.72 -0.37 19.05
CA VAL C 47 26.85 0.03 17.96
C VAL C 47 25.41 -0.26 18.37
N ILE C 48 24.51 0.66 18.07
CA ILE C 48 23.12 0.53 18.46
C ILE C 48 22.35 -0.12 17.31
N ALA C 49 21.43 -1.02 17.66
CA ALA C 49 20.70 -1.78 16.66
C ALA C 49 19.32 -2.14 17.19
N ALA C 50 18.41 -2.40 16.25
CA ALA C 50 17.08 -2.91 16.56
C ALA C 50 17.02 -4.39 16.24
N VAL C 51 16.40 -5.16 17.10
CA VAL C 51 16.37 -6.62 16.95
C VAL C 51 15.39 -6.98 15.84
N ILE C 52 15.82 -7.85 14.94
CA ILE C 52 15.01 -8.32 13.83
C ILE C 52 14.48 -9.70 14.19
N THR C 53 13.16 -9.85 14.20
CA THR C 53 12.52 -11.12 14.51
C THR C 53 12.00 -11.78 13.25
N SER C 54 11.71 -13.08 13.36
CA SER C 54 11.09 -13.84 12.30
C SER C 54 9.60 -14.07 12.54
N ASN C 55 9.07 -13.56 13.66
CA ASN C 55 7.65 -13.66 13.99
C ASN C 55 6.96 -12.48 13.31
N THR C 56 6.45 -12.72 12.09
CA THR C 56 5.86 -11.65 11.30
C THR C 56 4.61 -11.06 11.97
N ALA C 57 4.04 -11.76 12.95
CA ALA C 57 2.90 -11.21 13.69
C ALA C 57 3.23 -9.91 14.40
N LEU C 58 4.51 -9.64 14.67
CA LEU C 58 4.91 -8.39 15.30
C LEU C 58 4.79 -7.20 14.37
N ALA C 59 4.48 -7.41 13.09
CA ALA C 59 4.22 -6.30 12.18
C ALA C 59 2.93 -5.56 12.53
N ALA C 60 2.09 -6.13 13.39
CA ALA C 60 0.91 -5.42 13.87
C ALA C 60 1.28 -4.32 14.87
N MET C 61 2.45 -4.43 15.49
CA MET C 61 2.92 -3.40 16.40
C MET C 61 3.07 -2.07 15.63
N PRO C 62 2.61 -0.96 16.19
CA PRO C 62 2.57 0.30 15.42
C PRO C 62 3.91 0.73 14.82
N GLY C 63 4.97 0.79 15.63
CA GLY C 63 6.24 1.27 15.13
C GLY C 63 6.98 0.27 14.26
N ASN C 64 6.77 -1.02 14.48
CA ASN C 64 7.54 -2.06 13.80
C ASN C 64 7.35 -2.02 12.29
N VAL C 65 8.38 -2.49 11.58
CA VAL C 65 8.46 -2.43 10.12
C VAL C 65 8.73 -3.83 9.59
N PHE C 66 7.89 -4.28 8.66
CA PHE C 66 8.07 -5.58 8.03
C PHE C 66 9.17 -5.54 6.97
N LEU C 67 9.90 -6.64 6.86
CA LEU C 67 11.02 -6.76 5.92
C LEU C 67 10.93 -8.09 5.19
N PRO C 68 10.61 -8.10 3.90
CA PRO C 68 10.57 -9.37 3.17
C PRO C 68 11.97 -9.94 2.97
N ALA C 69 12.06 -11.28 3.04
CA ALA C 69 13.35 -11.95 2.89
C ALA C 69 13.97 -11.67 1.52
N THR C 70 13.15 -11.43 0.50
CA THR C 70 13.67 -11.06 -0.81
C THR C 70 14.36 -9.70 -0.78
N THR C 71 14.12 -8.89 0.25
CA THR C 71 14.73 -7.58 0.40
C THR C 71 15.95 -7.60 1.31
N THR C 72 15.92 -8.40 2.38
CA THR C 72 16.99 -8.41 3.37
C THR C 72 18.11 -9.39 3.05
N ARG C 73 17.85 -10.38 2.18
CA ARG C 73 18.72 -11.53 1.94
C ARG C 73 18.77 -12.46 3.15
N LEU C 74 17.83 -12.32 4.08
CA LEU C 74 17.74 -13.18 5.24
C LEU C 74 17.01 -14.47 4.87
N PRO C 75 17.09 -15.50 5.72
CA PRO C 75 16.40 -16.76 5.38
C PRO C 75 14.89 -16.63 5.28
N ARG C 76 14.24 -16.10 6.32
CA ARG C 76 12.79 -15.98 6.34
C ARG C 76 12.39 -14.50 6.34
N ASP C 77 11.09 -14.26 6.22
CA ASP C 77 10.56 -12.91 6.30
C ASP C 77 10.79 -12.33 7.69
N SER C 78 11.01 -11.02 7.75
CA SER C 78 11.50 -10.37 8.95
C SER C 78 10.60 -9.21 9.34
N VAL C 79 10.73 -8.79 10.60
CA VAL C 79 10.04 -7.62 11.14
C VAL C 79 11.00 -6.90 12.08
N VAL C 80 11.25 -5.62 11.81
CA VAL C 80 12.07 -4.81 12.70
C VAL C 80 11.24 -4.43 13.93
N ASN C 81 11.67 -4.88 15.10
CA ASN C 81 10.98 -4.58 16.36
C ASN C 81 11.63 -3.34 16.95
N VAL C 82 11.04 -2.18 16.67
CA VAL C 82 11.62 -0.91 17.12
C VAL C 82 11.53 -0.70 18.62
N THR C 83 10.78 -1.54 19.34
CA THR C 83 10.75 -1.47 20.80
C THR C 83 11.82 -2.34 21.44
N ALA C 84 12.53 -3.14 20.66
CA ALA C 84 13.63 -3.98 21.15
C ALA C 84 14.90 -3.41 20.54
N ILE C 85 15.57 -2.53 21.28
CA ILE C 85 16.77 -1.85 20.83
C ILE C 85 17.94 -2.31 21.69
N VAL C 86 19.07 -2.59 21.05
CA VAL C 86 20.23 -3.16 21.74
C VAL C 86 21.47 -2.33 21.44
N THR C 87 22.41 -2.39 22.38
CA THR C 87 23.75 -1.83 22.20
C THR C 87 24.72 -3.00 22.26
N LEU C 88 25.35 -3.32 21.13
CA LEU C 88 26.26 -4.44 21.04
C LEU C 88 27.68 -3.95 20.77
N ASN C 89 28.65 -4.76 21.18
CA ASN C 89 30.01 -4.52 20.78
C ASN C 89 30.16 -4.77 19.28
N LYS C 90 31.00 -3.96 18.63
CA LYS C 90 31.17 -4.09 17.20
C LYS C 90 31.74 -5.45 16.78
N THR C 91 32.44 -6.13 17.70
CA THR C 91 32.98 -7.45 17.37
C THR C 91 31.91 -8.52 17.34
N ASP C 92 30.78 -8.31 18.01
CA ASP C 92 29.69 -9.29 17.99
C ASP C 92 28.97 -9.36 16.65
N LEU C 93 29.23 -8.42 15.74
CA LEU C 93 28.64 -8.40 14.42
C LEU C 93 29.60 -9.07 13.45
N THR C 94 29.20 -10.19 12.86
CA THR C 94 30.10 -10.97 12.02
C THR C 94 29.63 -11.05 10.57
N ASP C 95 28.44 -11.59 10.32
CA ASP C 95 27.96 -11.84 8.96
C ASP C 95 27.07 -10.68 8.50
N ARG C 96 27.58 -9.87 7.58
CA ARG C 96 26.78 -8.80 6.99
C ARG C 96 25.84 -9.42 5.96
N VAL C 97 24.54 -9.47 6.29
CA VAL C 97 23.58 -10.09 5.40
C VAL C 97 23.27 -9.18 4.21
N GLY C 98 22.89 -7.95 4.49
CA GLY C 98 22.49 -7.05 3.42
C GLY C 98 22.05 -5.71 3.98
N GLU C 99 21.53 -4.86 3.10
CA GLU C 99 21.14 -3.51 3.46
C GLU C 99 19.66 -3.30 3.18
N VAL C 100 19.01 -2.52 4.03
CA VAL C 100 17.59 -2.22 3.89
C VAL C 100 17.44 -0.96 3.05
N PRO C 101 16.59 -0.97 2.02
CA PRO C 101 16.44 0.21 1.16
C PRO C 101 16.00 1.44 1.96
N ALA C 102 16.33 2.61 1.42
CA ALA C 102 16.04 3.86 2.10
C ALA C 102 14.54 4.09 2.28
N SER C 103 13.71 3.51 1.42
CA SER C 103 12.27 3.66 1.57
C SER C 103 11.76 2.87 2.77
N LEU C 104 12.29 1.66 2.97
CA LEU C 104 11.93 0.87 4.14
C LEU C 104 12.62 1.37 5.40
N MET C 105 13.82 1.95 5.26
CA MET C 105 14.50 2.53 6.40
C MET C 105 13.84 3.83 6.84
N HIS C 106 13.17 4.54 5.93
CA HIS C 106 12.37 5.69 6.34
C HIS C 106 11.23 5.26 7.25
N GLU C 107 10.61 4.12 6.94
CA GLU C 107 9.59 3.56 7.83
C GLU C 107 10.19 3.18 9.17
N VAL C 108 11.41 2.64 9.16
CA VAL C 108 12.09 2.31 10.41
C VAL C 108 12.36 3.56 11.22
N ASP C 109 12.84 4.62 10.56
CA ASP C 109 13.08 5.89 11.24
C ASP C 109 11.80 6.45 11.84
N ARG C 110 10.68 6.36 11.11
CA ARG C 110 9.41 6.82 11.64
C ARG C 110 9.04 6.06 12.91
N GLY C 111 9.22 4.74 12.91
CA GLY C 111 8.92 3.97 14.11
C GLY C 111 9.81 4.33 15.28
N LEU C 112 11.11 4.51 15.03
CA LEU C 112 12.04 4.85 16.10
C LEU C 112 11.70 6.20 16.73
N ARG C 113 11.45 7.20 15.88
CA ARG C 113 11.03 8.51 16.40
C ARG C 113 9.70 8.42 17.13
N ARG C 114 8.83 7.50 16.70
CA ARG C 114 7.54 7.33 17.36
C ARG C 114 7.72 6.74 18.76
N VAL C 115 8.48 5.64 18.86
CA VAL C 115 8.62 4.96 20.13
C VAL C 115 9.53 5.74 21.08
N LEU C 116 10.46 6.53 20.55
CA LEU C 116 11.39 7.29 21.36
C LEU C 116 10.96 8.75 21.55
N ASP C 117 9.84 9.15 20.96
CA ASP C 117 9.32 10.52 21.05
C ASP C 117 10.37 11.53 20.56
N LEU C 118 10.77 11.36 19.31
CA LEU C 118 11.77 12.22 18.69
C LEU C 118 11.25 12.84 17.39
N LEU D 1 10.90 8.38 -4.69
CA LEU D 1 9.79 7.45 -4.81
C LEU D 1 9.95 6.55 -6.02
N THR D 2 10.16 7.17 -7.19
CA THR D 2 10.27 6.42 -8.43
C THR D 2 11.42 5.41 -8.37
N GLY D 3 12.56 5.80 -7.81
CA GLY D 3 13.70 4.90 -7.75
C GLY D 3 13.41 3.65 -6.96
N GLN D 4 12.84 3.80 -5.76
CA GLN D 4 12.51 2.64 -4.93
C GLN D 4 11.42 1.78 -5.56
N ILE D 5 10.46 2.41 -6.25
CA ILE D 5 9.45 1.63 -6.96
C ILE D 5 10.09 0.74 -8.01
N ASP D 6 11.01 1.31 -8.81
CA ASP D 6 11.70 0.52 -9.82
C ASP D 6 12.52 -0.60 -9.19
N ARG D 7 13.21 -0.31 -8.08
CA ARG D 7 14.02 -1.32 -7.42
C ARG D 7 13.17 -2.49 -6.93
N ALA D 8 12.02 -2.19 -6.31
CA ALA D 8 11.15 -3.25 -5.82
C ALA D 8 10.59 -4.09 -6.97
N LEU D 9 10.27 -3.44 -8.09
CA LEU D 9 9.78 -4.18 -9.26
C LEU D 9 10.85 -5.09 -9.85
N GLU D 10 12.13 -4.78 -9.61
CA GLU D 10 13.20 -5.66 -10.07
C GLU D 10 13.16 -7.01 -9.36
N SER D 11 12.92 -6.98 -8.05
CA SER D 11 12.81 -8.23 -7.29
C SER D 11 11.57 -9.01 -7.70
N ILE D 12 10.41 -8.35 -7.70
CA ILE D 12 9.16 -8.97 -8.11
C ILE D 12 9.08 -8.99 -9.63
N HIS D 13 9.72 -9.99 -10.25
CA HIS D 13 9.74 -10.08 -11.70
C HIS D 13 8.40 -10.58 -12.23
N GLY D 14 8.02 -10.10 -13.40
CA GLY D 14 6.75 -10.46 -14.02
C GLY D 14 5.61 -9.59 -13.54
N THR D 15 4.45 -10.19 -13.31
CA THR D 15 3.27 -9.47 -12.82
C THR D 15 2.58 -10.33 -11.76
N ASP D 16 2.00 -9.66 -10.77
CA ASP D 16 1.33 -10.34 -9.68
C ASP D 16 -0.17 -10.41 -9.95
N GLU D 17 -0.86 -11.24 -9.14
CA GLU D 17 -2.31 -11.38 -9.28
C GLU D 17 -3.01 -10.04 -9.15
N ALA D 18 -2.61 -9.24 -8.15
CA ALA D 18 -3.25 -7.96 -7.92
C ALA D 18 -3.03 -7.00 -9.08
N GLU D 19 -1.78 -6.88 -9.54
CA GLU D 19 -1.48 -6.04 -10.70
C GLU D 19 -2.19 -6.51 -11.97
N ALA D 20 -2.80 -7.70 -11.96
CA ALA D 20 -3.52 -8.23 -13.11
C ALA D 20 -5.02 -8.30 -12.87
N LEU D 21 -5.45 -9.01 -11.82
CA LEU D 21 -6.87 -9.16 -11.55
C LEU D 21 -7.58 -7.82 -11.40
N ALA D 22 -6.83 -6.78 -10.98
CA ALA D 22 -7.39 -5.43 -10.98
C ALA D 22 -7.63 -4.95 -12.41
N VAL D 23 -6.64 -5.13 -13.29
CA VAL D 23 -6.82 -4.80 -14.69
C VAL D 23 -7.93 -5.63 -15.30
N ALA D 24 -8.16 -6.84 -14.77
CA ALA D 24 -9.27 -7.67 -15.24
C ALA D 24 -10.62 -7.09 -14.79
N ASN D 25 -10.78 -6.87 -13.48
CA ASN D 25 -12.07 -6.45 -12.94
C ASN D 25 -12.53 -5.12 -13.51
N ALA D 26 -11.59 -4.28 -13.96
CA ALA D 26 -11.93 -2.93 -14.40
C ALA D 26 -13.03 -2.92 -15.46
N TYR D 27 -12.99 -3.88 -16.39
CA TYR D 27 -13.95 -3.90 -17.49
C TYR D 27 -15.39 -4.06 -16.98
N ARG D 28 -15.58 -4.78 -15.88
CA ARG D 28 -16.93 -5.00 -15.37
C ARG D 28 -17.57 -3.69 -14.94
N VAL D 29 -16.81 -2.82 -14.28
CA VAL D 29 -17.35 -1.55 -13.80
C VAL D 29 -17.78 -0.67 -14.97
N LEU D 30 -16.86 -0.49 -15.93
CA LEU D 30 -17.15 0.39 -17.07
C LEU D 30 -18.35 -0.10 -17.86
N GLU D 31 -18.59 -1.41 -17.91
CA GLU D 31 -19.71 -1.94 -18.67
C GLU D 31 -21.04 -1.54 -18.06
N THR D 32 -21.18 -1.69 -16.74
CA THR D 32 -22.42 -1.38 -16.05
C THR D 32 -22.81 0.09 -16.22
N THR E 2 -3.28 4.12 24.65
CA THR E 2 -2.26 3.25 24.07
C THR E 2 -2.87 1.93 23.63
N GLY E 3 -4.17 1.98 23.31
CA GLY E 3 -4.85 0.75 22.93
C GLY E 3 -4.28 0.10 21.70
N GLN E 4 -3.83 0.92 20.73
CA GLN E 4 -3.26 0.37 19.49
C GLN E 4 -2.12 -0.59 19.78
N ILE E 5 -1.21 -0.19 20.66
CA ILE E 5 -0.12 -1.07 21.06
C ILE E 5 -0.68 -2.28 21.81
N ASP E 6 -1.66 -2.04 22.69
CA ASP E 6 -2.23 -3.13 23.48
C ASP E 6 -3.00 -4.11 22.61
N ARG E 7 -3.69 -3.62 21.58
CA ARG E 7 -4.42 -4.51 20.67
C ARG E 7 -3.47 -5.47 19.97
N ALA E 8 -2.34 -4.95 19.47
CA ALA E 8 -1.38 -5.80 18.79
C ALA E 8 -0.74 -6.82 19.73
N LEU E 9 -0.62 -6.48 21.02
CA LEU E 9 -0.02 -7.41 21.97
C LEU E 9 -0.92 -8.62 22.20
N GLU E 10 -2.23 -8.40 22.28
CA GLU E 10 -3.15 -9.53 22.41
C GLU E 10 -3.13 -10.42 21.17
N SER E 11 -2.77 -9.85 20.02
CA SER E 11 -2.70 -10.65 18.79
C SER E 11 -1.58 -11.67 18.88
N ILE E 12 -0.39 -11.25 19.34
CA ILE E 12 0.74 -12.15 19.53
C ILE E 12 0.68 -12.62 20.98
N HIS E 13 -0.08 -13.68 21.23
CA HIS E 13 -0.23 -14.19 22.59
C HIS E 13 1.12 -14.65 23.15
N GLY E 14 1.99 -15.18 22.31
CA GLY E 14 3.33 -15.58 22.72
C GLY E 14 4.34 -14.50 22.39
N THR E 15 5.23 -14.23 23.34
CA THR E 15 6.27 -13.22 23.16
C THR E 15 7.47 -13.81 22.44
N ASP E 16 8.11 -12.99 21.60
CA ASP E 16 9.24 -13.45 20.81
C ASP E 16 10.51 -13.48 21.64
N GLU E 17 11.29 -14.55 21.49
CA GLU E 17 12.57 -14.67 22.17
C GLU E 17 13.61 -13.69 21.62
N ALA E 18 13.37 -13.10 20.46
CA ALA E 18 14.26 -12.06 19.95
C ALA E 18 14.24 -10.84 20.87
N GLU E 19 13.05 -10.45 21.33
CA GLU E 19 12.95 -9.33 22.26
C GLU E 19 13.55 -9.68 23.62
N ALA E 20 13.55 -10.97 23.98
CA ALA E 20 14.18 -11.38 25.23
C ALA E 20 15.69 -11.18 25.18
N LEU E 21 16.31 -11.64 24.09
CA LEU E 21 17.75 -11.45 23.94
C LEU E 21 18.14 -10.00 24.02
N ALA E 22 17.21 -9.09 23.71
CA ALA E 22 17.50 -7.66 23.84
C ALA E 22 17.85 -7.27 25.28
N VAL E 23 17.04 -7.73 26.24
CA VAL E 23 17.34 -7.49 27.66
C VAL E 23 18.75 -7.94 27.98
N ALA E 24 19.08 -9.17 27.62
CA ALA E 24 20.45 -9.64 27.57
C ALA E 24 21.34 -8.82 26.65
#